data_3RQS
#
_entry.id   3RQS
#
_cell.length_a   49.691
_cell.length_b   85.761
_cell.length_c   165.614
_cell.angle_alpha   90.000
_cell.angle_beta   90.000
_cell.angle_gamma   90.000
#
_symmetry.space_group_name_H-M   'P 21 21 21'
#
loop_
_entity.id
_entity.type
_entity.pdbx_description
1 polymer 'Hydroxyacyl-coenzyme A dehydrogenase, mitochondrial'
2 non-polymer GLYCEROL
3 water water
#
_entity_poly.entity_id   1
_entity_poly.type   'polypeptide(L)'
_entity_poly.pdbx_seq_one_letter_code
;(MSE)GHHHHHHSH(MSE)AFVTRQF(MSE)RSVSSSSTASASAKKIIVKHVTVIGGGL(MSE)GAGIAQVAAATGHTVV
LVDQTEDILAKSKKGIEESLRKVAKKKFAENPKAGDEFVEKTLSTIATSTDAASVVHSTDLVVEAIVENLKVKNELFKRL
DKFAAEHTIFASNTSSLQITSIANATTRQDRFAGLHFFNPVPV(MSE)KLVEVIKTP(MSE)TSQKTFESLVDFSKALGK
HPVSCKDTPGFIVNRLLVPYL(MSE)EAIRLYERGDASKEDIDTA(MSE)KLGAGYP(MSE)GPFELLDYVGLDTTKFIV
DGWHE(MSE)DAENPLHQPSPSLNKLVAENKFGKKTGEGFYKYK
;
_entity_poly.pdbx_strand_id   A,B
#
# COMPACT_ATOMS: atom_id res chain seq x y z
N LYS A 33 12.82 36.98 -11.74
CA LYS A 33 13.91 36.69 -12.68
C LYS A 33 13.82 35.26 -13.21
N LYS A 34 13.18 34.38 -12.43
CA LYS A 34 12.99 32.99 -12.85
C LYS A 34 12.28 32.91 -14.19
N ILE A 35 12.63 31.90 -14.99
CA ILE A 35 12.00 31.75 -16.30
C ILE A 35 10.62 31.12 -16.19
N ILE A 36 9.70 31.54 -17.06
CA ILE A 36 8.40 30.89 -17.17
C ILE A 36 8.51 29.91 -18.32
N VAL A 37 8.43 28.63 -18.01
CA VAL A 37 8.59 27.61 -19.05
C VAL A 37 7.42 27.65 -20.03
N LYS A 38 7.71 27.91 -21.30
CA LYS A 38 6.66 27.94 -22.31
C LYS A 38 6.93 26.94 -23.40
N HIS A 39 8.18 26.86 -23.83
CA HIS A 39 8.59 25.98 -24.91
C HIS A 39 9.41 24.86 -24.30
N VAL A 40 8.94 23.63 -24.50
CA VAL A 40 9.52 22.50 -23.81
C VAL A 40 10.01 21.50 -24.83
N THR A 41 11.23 21.04 -24.63
CA THR A 41 11.78 19.97 -25.45
C THR A 41 11.74 18.68 -24.64
N VAL A 42 11.07 17.67 -25.18
CA VAL A 42 11.00 16.39 -24.49
C VAL A 42 11.81 15.39 -25.31
N ILE A 43 12.79 14.76 -24.67
CA ILE A 43 13.64 13.82 -25.39
C ILE A 43 13.28 12.40 -24.98
N GLY A 44 12.84 11.61 -25.95
CA GLY A 44 12.35 10.27 -25.68
C GLY A 44 10.84 10.21 -25.89
N GLY A 45 10.41 9.46 -26.90
CA GLY A 45 8.99 9.34 -27.19
C GLY A 45 8.37 8.07 -26.66
N GLY A 46 9.01 7.47 -25.66
CA GLY A 46 8.44 6.31 -25.00
C GLY A 46 7.24 6.71 -24.17
N LEU A 47 6.74 5.77 -23.37
CA LEU A 47 5.54 6.03 -22.58
C LEU A 47 5.67 7.31 -21.78
N GLY A 49 8.06 9.95 -21.97
CA GLY A 49 8.27 11.13 -22.79
C GLY A 49 7.02 11.58 -23.54
N ALA A 50 6.35 10.64 -24.19
CA ALA A 50 5.12 10.95 -24.91
C ALA A 50 4.06 11.51 -23.96
N GLY A 51 3.97 10.93 -22.77
CA GLY A 51 3.01 11.37 -21.77
C GLY A 51 3.32 12.79 -21.31
N ILE A 52 4.60 13.06 -21.11
CA ILE A 52 5.02 14.40 -20.69
C ILE A 52 4.69 15.41 -21.79
N ALA A 53 4.97 15.05 -23.03
CA ALA A 53 4.69 15.90 -24.18
C ALA A 53 3.18 16.19 -24.23
N GLN A 54 2.39 15.14 -24.08
CA GLN A 54 0.95 15.26 -24.20
C GLN A 54 0.44 16.27 -23.20
N VAL A 55 0.81 16.10 -21.93
CA VAL A 55 0.30 16.96 -20.89
C VAL A 55 0.83 18.39 -21.06
N ALA A 56 2.08 18.54 -21.47
CA ALA A 56 2.62 19.89 -21.62
C ALA A 56 1.84 20.61 -22.73
N ALA A 57 1.66 19.92 -23.85
CA ALA A 57 0.90 20.48 -24.97
C ALA A 57 -0.57 20.73 -24.58
N ALA A 58 -1.16 19.82 -23.81
CA ALA A 58 -2.56 19.94 -23.46
C ALA A 58 -2.74 21.14 -22.55
N THR A 59 -1.66 21.60 -21.94
CA THR A 59 -1.73 22.73 -21.00
C THR A 59 -1.13 24.04 -21.55
N GLY A 60 -1.05 24.14 -22.88
CA GLY A 60 -0.71 25.41 -23.51
C GLY A 60 0.77 25.65 -23.74
N HIS A 61 1.58 24.60 -23.52
CA HIS A 61 3.00 24.72 -23.77
C HIS A 61 3.29 24.28 -25.17
N THR A 62 4.28 24.91 -25.78
CA THR A 62 4.75 24.48 -27.08
C THR A 62 5.77 23.37 -26.86
N VAL A 63 5.62 22.27 -27.58
CA VAL A 63 6.42 21.08 -27.31
C VAL A 63 7.13 20.59 -28.53
N VAL A 64 8.41 20.27 -28.35
CA VAL A 64 9.13 19.54 -29.37
C VAL A 64 9.56 18.20 -28.80
N LEU A 65 9.04 17.14 -29.41
CA LEU A 65 9.31 15.78 -28.94
C LEU A 65 10.40 15.18 -29.82
N VAL A 66 11.44 14.66 -29.18
CA VAL A 66 12.62 14.21 -29.90
C VAL A 66 12.84 12.72 -29.67
N ASP A 67 13.12 11.99 -30.74
CA ASP A 67 13.55 10.61 -30.61
C ASP A 67 14.40 10.22 -31.81
N GLN A 68 14.78 8.96 -31.89
CA GLN A 68 15.81 8.52 -32.82
C GLN A 68 15.38 8.50 -34.28
N THR A 69 14.13 8.16 -34.54
CA THR A 69 13.70 7.96 -35.92
C THR A 69 12.32 8.52 -36.15
N GLU A 70 12.00 8.82 -37.41
CA GLU A 70 10.69 9.33 -37.76
C GLU A 70 9.62 8.30 -37.46
N ASP A 71 9.92 7.02 -37.69
CA ASP A 71 8.94 5.98 -37.41
C ASP A 71 8.60 5.95 -35.93
N ILE A 72 9.61 6.06 -35.08
CA ILE A 72 9.35 6.11 -33.64
C ILE A 72 8.49 7.33 -33.28
N LEU A 73 8.80 8.47 -33.88
CA LEU A 73 8.08 9.69 -33.56
C LEU A 73 6.63 9.60 -34.03
N ALA A 74 6.45 9.10 -35.24
CA ALA A 74 5.11 8.96 -35.79
C ALA A 74 4.26 8.10 -34.86
N LYS A 75 4.84 7.02 -34.37
CA LYS A 75 4.14 6.11 -33.47
C LYS A 75 3.85 6.78 -32.12
N SER A 76 4.82 7.53 -31.59
CA SER A 76 4.61 8.25 -30.35
C SER A 76 3.47 9.24 -30.47
N LYS A 77 3.46 9.99 -31.57
CA LYS A 77 2.49 11.06 -31.72
C LYS A 77 1.10 10.47 -31.94
N LYS A 78 1.07 9.32 -32.62
CA LYS A 78 -0.16 8.56 -32.83
C LYS A 78 -0.74 8.08 -31.50
N GLY A 79 0.13 7.59 -30.62
CA GLY A 79 -0.28 7.20 -29.28
C GLY A 79 -0.84 8.37 -28.50
N ILE A 80 -0.18 9.51 -28.59
CA ILE A 80 -0.70 10.72 -27.94
C ILE A 80 -2.08 11.06 -28.48
N GLU A 81 -2.24 10.99 -29.80
CA GLU A 81 -3.50 11.33 -30.44
C GLU A 81 -4.63 10.45 -29.91
N GLU A 82 -4.42 9.14 -29.96
CA GLU A 82 -5.41 8.19 -29.48
C GLU A 82 -5.76 8.43 -28.02
N SER A 83 -4.75 8.73 -27.20
CA SER A 83 -4.99 9.02 -25.79
C SER A 83 -5.80 10.31 -25.59
N LEU A 84 -5.48 11.35 -26.35
CA LEU A 84 -6.24 12.59 -26.30
C LEU A 84 -7.67 12.36 -26.80
N ARG A 85 -7.79 11.61 -27.90
CA ARG A 85 -9.10 11.33 -28.51
C ARG A 85 -10.02 10.60 -27.54
N LYS A 86 -9.51 9.54 -26.93
CA LYS A 86 -10.26 8.80 -25.92
C LYS A 86 -10.83 9.76 -24.88
N VAL A 87 -9.98 10.63 -24.36
CA VAL A 87 -10.41 11.59 -23.35
C VAL A 87 -11.49 12.51 -23.91
N ALA A 88 -11.20 13.10 -25.06
CA ALA A 88 -12.11 14.04 -25.68
C ALA A 88 -13.50 13.47 -25.92
N LYS A 89 -13.59 12.21 -26.37
CA LYS A 89 -14.87 11.60 -26.68
C LYS A 89 -15.74 11.52 -25.44
N LYS A 90 -15.11 11.21 -24.32
CA LYS A 90 -15.80 11.17 -23.03
C LYS A 90 -16.16 12.57 -22.55
N LYS A 91 -15.17 13.45 -22.49
CA LYS A 91 -15.34 14.78 -21.89
C LYS A 91 -16.17 15.77 -22.73
N PHE A 92 -16.13 15.63 -24.05
CA PHE A 92 -16.75 16.59 -24.94
C PHE A 92 -17.95 16.01 -25.67
N ALA A 93 -18.60 15.03 -25.06
CA ALA A 93 -19.78 14.42 -25.65
C ALA A 93 -20.82 15.48 -25.98
N GLU A 94 -21.00 16.46 -25.10
CA GLU A 94 -22.01 17.48 -25.29
C GLU A 94 -21.50 18.62 -26.16
N ASN A 95 -20.23 18.55 -26.55
CA ASN A 95 -19.63 19.57 -27.41
C ASN A 95 -18.50 19.01 -28.28
N PRO A 96 -18.87 18.21 -29.29
CA PRO A 96 -17.92 17.40 -30.08
C PRO A 96 -16.92 18.25 -30.84
N LYS A 97 -17.34 19.43 -31.27
CA LYS A 97 -16.45 20.31 -32.02
C LYS A 97 -15.35 20.83 -31.10
N ALA A 98 -15.72 21.21 -29.89
CA ALA A 98 -14.75 21.59 -28.88
C ALA A 98 -13.79 20.43 -28.62
N GLY A 99 -14.32 19.21 -28.67
CA GLY A 99 -13.51 18.03 -28.43
C GLY A 99 -12.48 17.86 -29.54
N ASP A 100 -12.94 17.96 -30.78
CA ASP A 100 -12.05 17.84 -31.93
C ASP A 100 -11.00 18.94 -31.92
N GLU A 101 -11.42 20.15 -31.56
CA GLU A 101 -10.52 21.30 -31.54
C GLU A 101 -9.43 21.10 -30.49
N PHE A 102 -9.83 20.62 -29.32
CA PHE A 102 -8.89 20.35 -28.26
C PHE A 102 -7.83 19.36 -28.72
N VAL A 103 -8.25 18.26 -29.29
CA VAL A 103 -7.32 17.23 -29.70
C VAL A 103 -6.38 17.76 -30.76
N GLU A 104 -6.95 18.42 -31.75
CA GLU A 104 -6.19 18.89 -32.90
C GLU A 104 -5.21 19.99 -32.51
N LYS A 105 -5.69 20.92 -31.69
CA LYS A 105 -4.86 21.99 -31.19
C LYS A 105 -3.71 21.44 -30.37
N THR A 106 -4.02 20.48 -29.51
CA THR A 106 -3.01 19.86 -28.66
C THR A 106 -1.91 19.19 -29.48
N LEU A 107 -2.32 18.36 -30.44
CA LEU A 107 -1.37 17.69 -31.32
C LEU A 107 -0.57 18.69 -32.13
N SER A 108 -1.23 19.76 -32.55
CA SER A 108 -0.57 20.76 -33.37
C SER A 108 0.59 21.41 -32.63
N THR A 109 0.46 21.56 -31.32
CA THR A 109 1.53 22.19 -30.54
C THR A 109 2.57 21.18 -30.08
N ILE A 110 2.53 19.98 -30.65
CA ILE A 110 3.61 19.04 -30.47
C ILE A 110 4.33 18.86 -31.79
N ALA A 111 5.54 19.40 -31.85
CA ALA A 111 6.39 19.18 -33.01
C ALA A 111 7.28 17.99 -32.73
N THR A 112 7.90 17.44 -33.77
CA THR A 112 8.84 16.34 -33.58
C THR A 112 10.13 16.59 -34.35
N SER A 113 11.19 15.91 -33.93
CA SER A 113 12.50 16.06 -34.55
C SER A 113 13.35 14.87 -34.16
N THR A 114 14.24 14.46 -35.05
CA THR A 114 15.19 13.39 -34.74
C THR A 114 16.57 13.97 -34.39
N ASP A 115 16.61 15.30 -34.21
CA ASP A 115 17.86 15.97 -33.92
C ASP A 115 17.72 16.93 -32.74
N ALA A 116 18.02 16.44 -31.53
CA ALA A 116 17.83 17.25 -30.33
C ALA A 116 18.55 18.59 -30.42
N ALA A 117 19.76 18.58 -30.97
CA ALA A 117 20.56 19.79 -30.99
C ALA A 117 19.87 20.90 -31.78
N SER A 118 19.10 20.53 -32.81
CA SER A 118 18.50 21.53 -33.68
C SER A 118 17.32 22.25 -33.00
N VAL A 119 16.81 21.68 -31.91
CA VAL A 119 15.57 22.22 -31.37
C VAL A 119 15.75 23.01 -30.08
N VAL A 120 16.91 22.86 -29.44
CA VAL A 120 17.07 23.43 -28.10
C VAL A 120 17.67 24.83 -28.06
N HIS A 121 17.90 25.42 -29.24
N HIS A 121 17.91 25.39 -29.25
CA HIS A 121 18.59 26.71 -29.29
CA HIS A 121 18.54 26.69 -29.36
C HIS A 121 17.90 27.78 -28.44
C HIS A 121 17.90 27.73 -28.43
N SER A 122 16.57 27.80 -28.47
CA SER A 122 15.83 28.72 -27.60
C SER A 122 14.69 28.06 -26.81
N THR A 123 14.82 26.78 -26.51
CA THR A 123 13.82 26.12 -25.68
C THR A 123 13.98 26.55 -24.22
N ASP A 124 12.92 26.41 -23.41
CA ASP A 124 12.97 26.86 -22.02
C ASP A 124 13.37 25.72 -21.10
N LEU A 125 13.02 24.51 -21.51
CA LEU A 125 13.21 23.38 -20.65
C LEU A 125 13.41 22.17 -21.50
N VAL A 126 14.43 21.39 -21.16
CA VAL A 126 14.59 20.08 -21.77
C VAL A 126 14.22 19.06 -20.72
N VAL A 127 13.32 18.15 -21.07
CA VAL A 127 13.02 17.02 -20.20
C VAL A 127 13.43 15.74 -20.90
N GLU A 128 14.35 15.01 -20.28
CA GLU A 128 14.89 13.79 -20.86
C GLU A 128 14.22 12.58 -20.26
N ALA A 129 13.69 11.73 -21.14
CA ALA A 129 13.00 10.53 -20.74
C ALA A 129 13.47 9.40 -21.64
N ILE A 130 14.79 9.20 -21.70
CA ILE A 130 15.34 8.17 -22.56
C ILE A 130 15.87 7.00 -21.73
N VAL A 131 16.46 6.03 -22.43
CA VAL A 131 17.02 4.83 -21.79
C VAL A 131 17.80 5.16 -20.53
N GLU A 132 17.62 4.34 -19.50
CA GLU A 132 18.28 4.54 -18.21
C GLU A 132 19.73 4.08 -18.25
N ASN A 133 20.56 4.87 -18.92
CA ASN A 133 21.98 4.56 -19.05
C ASN A 133 22.76 5.86 -18.86
N LEU A 134 23.62 5.89 -17.84
CA LEU A 134 24.34 7.11 -17.51
C LEU A 134 25.10 7.66 -18.69
N LYS A 135 25.77 6.77 -19.43
CA LYS A 135 26.66 7.20 -20.50
C LYS A 135 25.87 7.85 -21.62
N VAL A 136 24.76 7.21 -21.99
CA VAL A 136 23.90 7.77 -23.03
C VAL A 136 23.36 9.15 -22.61
N LYS A 137 22.82 9.24 -21.40
CA LYS A 137 22.30 10.51 -20.91
C LYS A 137 23.35 11.61 -20.88
N ASN A 138 24.53 11.29 -20.37
CA ASN A 138 25.58 12.29 -20.25
C ASN A 138 26.01 12.78 -21.62
N GLU A 139 26.17 11.85 -22.55
CA GLU A 139 26.52 12.20 -23.93
C GLU A 139 25.47 13.13 -24.50
N LEU A 140 24.21 12.84 -24.22
CA LEU A 140 23.12 13.69 -24.68
C LEU A 140 23.22 15.08 -24.07
N PHE A 141 23.27 15.13 -22.75
CA PHE A 141 23.24 16.43 -22.07
C PHE A 141 24.50 17.27 -22.29
N LYS A 142 25.64 16.61 -22.41
CA LYS A 142 26.88 17.35 -22.72
C LYS A 142 26.71 18.09 -24.04
N ARG A 143 26.18 17.39 -25.05
CA ARG A 143 25.90 17.99 -26.35
C ARG A 143 24.85 19.11 -26.28
N LEU A 144 23.72 18.81 -25.65
CA LEU A 144 22.65 19.81 -25.50
C LEU A 144 23.17 21.05 -24.79
N ASP A 145 24.00 20.83 -23.77
CA ASP A 145 24.61 21.94 -23.04
C ASP A 145 25.21 22.98 -23.99
N LYS A 146 25.85 22.51 -25.08
CA LYS A 146 26.50 23.41 -26.04
C LYS A 146 25.51 24.19 -26.91
N PHE A 147 24.34 23.61 -27.16
CA PHE A 147 23.40 24.19 -28.12
C PHE A 147 22.26 24.97 -27.47
N ALA A 148 21.91 24.62 -26.23
CA ALA A 148 20.79 25.26 -25.56
C ALA A 148 21.08 26.71 -25.19
N ALA A 149 20.05 27.55 -25.22
CA ALA A 149 20.17 28.92 -24.76
C ALA A 149 20.66 28.92 -23.33
N GLU A 150 21.16 30.07 -22.87
CA GLU A 150 21.68 30.15 -21.52
C GLU A 150 20.58 29.90 -20.48
N HIS A 151 19.37 30.38 -20.75
CA HIS A 151 18.32 30.32 -19.75
C HIS A 151 17.73 28.91 -19.65
N THR A 152 18.02 28.06 -20.63
CA THR A 152 17.42 26.73 -20.68
C THR A 152 17.70 25.85 -19.48
N ILE A 153 16.62 25.35 -18.87
CA ILE A 153 16.72 24.38 -17.79
C ILE A 153 16.78 22.96 -18.36
N PHE A 154 17.59 22.10 -17.75
CA PHE A 154 17.67 20.70 -18.13
C PHE A 154 17.13 19.85 -16.97
N ALA A 155 16.30 18.87 -17.28
CA ALA A 155 15.71 18.01 -16.26
C ALA A 155 15.68 16.57 -16.76
N SER A 156 15.87 15.63 -15.85
CA SER A 156 15.81 14.24 -16.22
C SER A 156 14.68 13.58 -15.48
N ASN A 157 13.97 12.71 -16.20
CA ASN A 157 12.89 11.91 -15.63
C ASN A 157 13.40 10.60 -15.04
N THR A 158 14.72 10.47 -14.93
CA THR A 158 15.34 9.20 -14.56
C THR A 158 14.85 8.70 -13.20
N SER A 159 14.67 7.38 -13.11
CA SER A 159 14.30 6.74 -11.85
C SER A 159 15.51 5.98 -11.27
N SER A 160 16.54 5.82 -12.09
CA SER A 160 17.66 4.93 -11.74
C SER A 160 18.93 5.66 -11.36
N LEU A 161 19.06 6.91 -11.80
CA LEU A 161 20.32 7.61 -11.67
C LEU A 161 20.20 8.80 -10.76
N GLN A 162 21.30 9.18 -10.14
CA GLN A 162 21.33 10.42 -9.40
C GLN A 162 21.39 11.57 -10.39
N ILE A 163 20.57 12.58 -10.15
CA ILE A 163 20.56 13.73 -11.02
C ILE A 163 21.95 14.36 -11.05
N THR A 164 22.61 14.36 -9.90
CA THR A 164 23.93 14.96 -9.79
C THR A 164 24.90 14.43 -10.84
N SER A 165 24.85 13.11 -11.07
CA SER A 165 25.74 12.46 -12.02
C SER A 165 25.52 13.00 -13.42
N ILE A 166 24.26 13.26 -13.76
CA ILE A 166 23.94 13.74 -15.09
C ILE A 166 24.25 15.22 -15.18
N ALA A 167 23.94 15.96 -14.12
CA ALA A 167 24.15 17.41 -14.10
C ALA A 167 25.61 17.75 -14.37
N ASN A 168 26.51 16.96 -13.79
CA ASN A 168 27.93 17.23 -13.93
C ASN A 168 28.49 16.89 -15.31
N ALA A 169 27.63 16.36 -16.18
CA ALA A 169 28.02 16.19 -17.58
C ALA A 169 27.86 17.52 -18.34
N THR A 170 27.38 18.54 -17.65
CA THR A 170 27.21 19.86 -18.25
C THR A 170 27.92 20.91 -17.42
N THR A 171 27.89 22.14 -17.89
CA THR A 171 28.41 23.24 -17.10
C THR A 171 27.25 24.11 -16.64
N ARG A 172 26.05 23.57 -16.68
CA ARG A 172 24.88 24.32 -16.22
C ARG A 172 24.18 23.62 -15.06
N GLN A 173 24.96 23.20 -14.06
CA GLN A 173 24.41 22.48 -12.92
C GLN A 173 23.37 23.29 -12.16
N ASP A 174 23.48 24.61 -12.23
CA ASP A 174 22.53 25.48 -11.57
C ASP A 174 21.17 25.37 -12.25
N ARG A 175 21.18 24.94 -13.50
CA ARG A 175 19.96 24.79 -14.29
C ARG A 175 19.63 23.33 -14.57
N PHE A 176 20.18 22.46 -13.75
CA PHE A 176 19.93 21.04 -13.91
C PHE A 176 19.16 20.49 -12.71
N ALA A 177 18.05 19.83 -12.98
CA ALA A 177 17.24 19.27 -11.90
C ALA A 177 16.63 17.95 -12.31
N GLY A 178 16.07 17.24 -11.33
CA GLY A 178 15.27 16.08 -11.60
C GLY A 178 13.82 16.53 -11.74
N LEU A 179 13.11 15.97 -12.72
CA LEU A 179 11.69 16.27 -12.89
C LEU A 179 11.04 14.93 -13.17
N HIS A 180 10.53 14.31 -12.11
CA HIS A 180 10.21 12.90 -12.14
C HIS A 180 8.71 12.69 -12.16
N PHE A 181 8.22 12.12 -13.26
CA PHE A 181 6.79 11.92 -13.46
C PHE A 181 6.39 10.47 -13.20
N PHE A 182 5.09 10.19 -13.31
CA PHE A 182 4.60 8.83 -13.10
C PHE A 182 3.62 8.38 -14.15
N ASN A 183 3.78 7.14 -14.58
CA ASN A 183 2.92 6.53 -15.57
C ASN A 183 1.54 6.25 -14.97
N PRO A 184 0.46 6.57 -15.71
CA PRO A 184 0.41 7.26 -17.00
C PRO A 184 0.51 8.75 -16.77
N VAL A 185 1.41 9.44 -17.45
CA VAL A 185 1.66 10.84 -17.12
C VAL A 185 0.42 11.73 -17.20
N PRO A 186 -0.46 11.50 -18.18
CA PRO A 186 -1.64 12.37 -18.26
C PRO A 186 -2.63 12.15 -17.10
N VAL A 187 -2.41 11.13 -16.29
CA VAL A 187 -3.33 10.82 -15.19
C VAL A 187 -2.68 11.13 -13.85
N LYS A 189 -0.88 12.75 -10.94
CA LYS A 189 -0.85 14.18 -10.66
C LYS A 189 0.43 14.61 -9.96
N LEU A 190 1.24 13.64 -9.56
CA LEU A 190 2.45 13.98 -8.83
C LEU A 190 3.63 14.26 -9.76
N VAL A 191 4.46 15.21 -9.37
CA VAL A 191 5.78 15.37 -9.98
C VAL A 191 6.78 15.59 -8.86
N GLU A 192 7.87 14.83 -8.87
CA GLU A 192 8.92 15.07 -7.90
C GLU A 192 9.91 15.99 -8.56
N VAL A 193 10.14 17.13 -7.93
CA VAL A 193 11.15 18.06 -8.41
C VAL A 193 12.41 17.87 -7.56
N ILE A 194 13.51 17.51 -8.22
CA ILE A 194 14.72 17.14 -7.48
C ILE A 194 15.83 18.17 -7.69
N LYS A 195 16.22 18.86 -6.61
CA LYS A 195 17.41 19.70 -6.66
C LYS A 195 18.63 18.86 -6.29
N THR A 196 19.74 19.10 -6.99
CA THR A 196 21.03 18.64 -6.50
C THR A 196 21.54 19.77 -5.62
N PRO A 197 22.68 19.58 -4.95
CA PRO A 197 23.19 20.71 -4.16
C PRO A 197 23.58 21.92 -5.03
N THR A 199 21.72 22.90 -7.90
CA THR A 199 20.56 23.48 -8.56
C THR A 199 20.18 24.81 -7.91
N SER A 200 19.93 25.84 -8.70
CA SER A 200 19.55 27.13 -8.14
C SER A 200 18.10 27.09 -7.65
N GLN A 201 17.76 27.98 -6.72
CA GLN A 201 16.39 28.09 -6.28
C GLN A 201 15.53 28.56 -7.45
N LYS A 202 16.11 29.43 -8.27
CA LYS A 202 15.43 29.93 -9.45
C LYS A 202 14.99 28.77 -10.34
N THR A 203 15.90 27.85 -10.60
CA THR A 203 15.58 26.69 -11.41
C THR A 203 14.51 25.84 -10.74
N PHE A 204 14.69 25.57 -9.46
CA PHE A 204 13.71 24.82 -8.71
C PHE A 204 12.32 25.45 -8.83
N GLU A 205 12.24 26.76 -8.63
CA GLU A 205 10.95 27.43 -8.63
C GLU A 205 10.32 27.42 -10.01
N SER A 206 11.14 27.52 -11.05
CA SER A 206 10.63 27.47 -12.41
C SER A 206 9.97 26.12 -12.67
N LEU A 207 10.57 25.08 -12.12
CA LEU A 207 10.07 23.71 -12.32
C LEU A 207 8.82 23.43 -11.48
N VAL A 208 8.78 24.00 -10.28
CA VAL A 208 7.57 23.94 -9.46
C VAL A 208 6.45 24.63 -10.23
N ASP A 209 6.71 25.83 -10.73
CA ASP A 209 5.72 26.56 -11.51
C ASP A 209 5.31 25.79 -12.75
N PHE A 210 6.28 25.22 -13.46
CA PHE A 210 5.99 24.42 -14.64
C PHE A 210 5.09 23.22 -14.26
N SER A 211 5.43 22.53 -13.19
CA SER A 211 4.64 21.39 -12.72
C SER A 211 3.18 21.78 -12.47
N LYS A 212 2.98 22.89 -11.78
CA LYS A 212 1.63 23.41 -11.53
C LYS A 212 0.95 23.78 -12.83
N ALA A 213 1.71 24.35 -13.77
CA ALA A 213 1.15 24.73 -15.07
C ALA A 213 0.69 23.49 -15.84
N LEU A 214 1.29 22.35 -15.53
CA LEU A 214 0.85 21.08 -16.11
C LEU A 214 -0.41 20.52 -15.44
N GLY A 215 -0.90 21.20 -14.41
CA GLY A 215 -2.01 20.71 -13.63
C GLY A 215 -1.56 19.65 -12.64
N LYS A 216 -0.29 19.68 -12.29
CA LYS A 216 0.24 18.67 -11.37
C LYS A 216 0.62 19.25 -10.03
N HIS A 217 0.93 18.38 -9.10
N HIS A 217 0.91 18.38 -9.09
CA HIS A 217 1.31 18.77 -7.74
CA HIS A 217 1.32 18.81 -7.77
C HIS A 217 2.77 18.40 -7.54
C HIS A 217 2.77 18.42 -7.55
N PRO A 218 3.67 19.40 -7.58
CA PRO A 218 5.09 19.13 -7.38
C PRO A 218 5.43 18.92 -5.92
N VAL A 219 6.27 17.94 -5.62
CA VAL A 219 6.87 17.83 -4.31
C VAL A 219 8.37 17.87 -4.48
N SER A 220 9.06 18.19 -3.39
CA SER A 220 10.50 18.36 -3.42
C SER A 220 11.18 17.17 -2.73
N CYS A 221 12.28 16.71 -3.31
CA CYS A 221 13.10 15.70 -2.64
C CYS A 221 14.55 15.96 -2.96
N LYS A 222 15.42 15.65 -2.01
CA LYS A 222 16.85 15.66 -2.29
C LYS A 222 17.19 14.62 -3.35
N ASP A 223 18.34 14.78 -3.99
CA ASP A 223 18.79 13.86 -5.03
C ASP A 223 19.30 12.54 -4.44
N THR A 224 18.37 11.78 -3.90
CA THR A 224 18.68 10.53 -3.21
C THR A 224 17.98 9.40 -3.96
N PRO A 225 18.54 8.18 -3.89
CA PRO A 225 18.01 7.06 -4.68
C PRO A 225 16.53 6.81 -4.43
N GLY A 226 15.74 6.83 -5.50
CA GLY A 226 14.32 6.57 -5.42
C GLY A 226 13.49 7.79 -5.06
N PHE A 227 14.18 8.89 -4.74
CA PHE A 227 13.47 10.11 -4.35
C PHE A 227 12.49 9.76 -3.25
N ILE A 228 11.22 10.13 -3.38
CA ILE A 228 10.23 9.73 -2.39
C ILE A 228 9.48 8.47 -2.80
N VAL A 229 8.74 8.57 -3.89
CA VAL A 229 7.80 7.51 -4.24
C VAL A 229 8.49 6.16 -4.41
N ASN A 230 9.42 6.07 -5.34
CA ASN A 230 10.09 4.79 -5.57
C ASN A 230 10.84 4.32 -4.33
N ARG A 231 11.41 5.26 -3.58
CA ARG A 231 12.17 4.88 -2.40
C ARG A 231 11.29 4.17 -1.38
N LEU A 232 10.02 4.53 -1.33
CA LEU A 232 9.14 3.94 -0.32
C LEU A 232 8.28 2.83 -0.92
N LEU A 233 8.04 2.93 -2.23
CA LEU A 233 7.18 1.96 -2.90
C LEU A 233 7.96 0.70 -3.29
N VAL A 234 9.08 0.89 -3.98
CA VAL A 234 9.74 -0.26 -4.58
C VAL A 234 10.25 -1.27 -3.54
N PRO A 235 10.86 -0.80 -2.44
CA PRO A 235 11.29 -1.77 -1.43
C PRO A 235 10.11 -2.53 -0.81
N TYR A 236 8.95 -1.90 -0.70
CA TYR A 236 7.75 -2.58 -0.24
C TYR A 236 7.34 -3.69 -1.21
N LEU A 237 7.33 -3.38 -2.50
CA LEU A 237 7.02 -4.39 -3.51
C LEU A 237 7.98 -5.58 -3.41
N GLU A 239 9.52 -6.54 -0.78
CA GLU A 239 9.18 -7.25 0.45
C GLU A 239 7.94 -8.15 0.24
N ALA A 240 6.98 -7.67 -0.55
CA ALA A 240 5.83 -8.52 -0.86
C ALA A 240 6.31 -9.76 -1.62
N ILE A 241 7.17 -9.57 -2.60
CA ILE A 241 7.74 -10.71 -3.31
C ILE A 241 8.44 -11.66 -2.34
N ARG A 242 9.25 -11.10 -1.44
CA ARG A 242 9.99 -11.94 -0.51
C ARG A 242 9.07 -12.73 0.43
N LEU A 243 7.94 -12.12 0.80
CA LEU A 243 7.00 -12.79 1.68
C LEU A 243 6.40 -13.99 0.95
N TYR A 244 6.02 -13.79 -0.30
CA TYR A 244 5.56 -14.87 -1.16
C TYR A 244 6.63 -15.96 -1.31
N GLU A 245 7.86 -15.55 -1.56
CA GLU A 245 8.94 -16.50 -1.77
C GLU A 245 9.24 -17.35 -0.53
N ARG A 246 8.98 -16.83 0.68
CA ARG A 246 9.25 -17.59 1.89
C ARG A 246 8.18 -18.65 2.10
N GLY A 247 7.12 -18.59 1.30
CA GLY A 247 6.00 -19.50 1.46
C GLY A 247 4.96 -19.05 2.46
N ASP A 248 5.00 -17.77 2.82
CA ASP A 248 4.19 -17.30 3.95
C ASP A 248 2.73 -17.03 3.59
N ALA A 249 2.50 -16.67 2.34
CA ALA A 249 1.16 -16.36 1.84
C ALA A 249 1.18 -16.40 0.32
N SER A 250 0.01 -16.57 -0.29
CA SER A 250 -0.10 -16.58 -1.74
C SER A 250 -0.03 -15.15 -2.27
N LYS A 251 0.32 -15.00 -3.54
CA LYS A 251 0.29 -13.68 -4.15
C LYS A 251 -1.12 -13.10 -4.05
N GLU A 252 -2.11 -13.95 -4.24
CA GLU A 252 -3.51 -13.52 -4.27
C GLU A 252 -3.95 -13.00 -2.91
N ASP A 253 -3.58 -13.70 -1.84
CA ASP A 253 -3.94 -13.26 -0.51
C ASP A 253 -3.19 -11.99 -0.12
N ILE A 254 -1.95 -11.89 -0.57
CA ILE A 254 -1.17 -10.70 -0.27
C ILE A 254 -1.80 -9.50 -0.97
N ASP A 255 -2.18 -9.67 -2.24
CA ASP A 255 -2.82 -8.57 -2.96
C ASP A 255 -4.11 -8.17 -2.29
N THR A 256 -4.92 -9.17 -1.94
CA THR A 256 -6.18 -8.89 -1.27
C THR A 256 -5.93 -8.18 0.06
N ALA A 257 -4.90 -8.63 0.78
CA ALA A 257 -4.66 -8.11 2.12
C ALA A 257 -4.33 -6.61 2.05
N LYS A 259 -5.06 -4.52 -0.45
CA LYS A 259 -6.23 -3.79 -0.97
C LYS A 259 -7.28 -3.55 0.11
N LEU A 260 -7.65 -4.60 0.83
CA LEU A 260 -8.69 -4.54 1.85
C LEU A 260 -8.16 -4.15 3.23
N GLY A 261 -6.88 -4.42 3.48
CA GLY A 261 -6.30 -4.11 4.76
C GLY A 261 -5.62 -2.75 4.81
N ALA A 262 -5.12 -2.28 3.67
CA ALA A 262 -4.40 -1.02 3.63
C ALA A 262 -5.01 -0.03 2.65
N GLY A 263 -6.07 -0.46 1.97
CA GLY A 263 -6.74 0.41 1.02
C GLY A 263 -5.90 0.77 -0.21
N TYR A 264 -4.98 -0.10 -0.59
CA TYR A 264 -4.17 0.17 -1.77
C TYR A 264 -4.98 -0.10 -3.03
N PRO A 265 -4.81 0.73 -4.06
CA PRO A 265 -5.57 0.55 -5.29
C PRO A 265 -5.24 -0.78 -5.94
N GLY A 267 -2.92 -4.52 -5.33
CA GLY A 267 -2.05 -5.41 -4.59
C GLY A 267 -0.64 -5.30 -5.14
N PRO A 268 0.35 -5.68 -4.33
CA PRO A 268 1.72 -5.42 -4.82
C PRO A 268 2.06 -6.24 -6.07
N PHE A 269 1.50 -7.43 -6.19
CA PHE A 269 1.82 -8.27 -7.35
C PHE A 269 1.14 -7.70 -8.60
N GLU A 270 -0.11 -7.27 -8.47
CA GLU A 270 -0.80 -6.57 -9.54
CA GLU A 270 -0.77 -6.60 -9.58
C GLU A 270 0.01 -5.34 -9.92
N LEU A 271 0.45 -4.60 -8.91
CA LEU A 271 1.17 -3.35 -9.15
C LEU A 271 2.53 -3.62 -9.80
N LEU A 272 3.24 -4.64 -9.34
CA LEU A 272 4.51 -5.01 -9.99
C LEU A 272 4.30 -5.23 -11.49
N ASP A 273 3.30 -6.04 -11.83
CA ASP A 273 2.99 -6.31 -13.24
C ASP A 273 2.62 -5.03 -13.98
N TYR A 274 1.93 -4.14 -13.30
CA TYR A 274 1.48 -2.90 -13.91
C TYR A 274 2.65 -1.96 -14.21
N VAL A 275 3.59 -1.84 -13.27
CA VAL A 275 4.70 -0.91 -13.45
C VAL A 275 5.84 -1.52 -14.25
N GLY A 276 5.87 -2.85 -14.34
CA GLY A 276 6.89 -3.53 -15.11
C GLY A 276 7.88 -4.28 -14.23
N LEU A 277 8.02 -5.58 -14.47
CA LEU A 277 8.96 -6.38 -13.70
C LEU A 277 10.39 -6.06 -14.08
N ASP A 278 10.62 -5.82 -15.37
CA ASP A 278 11.94 -5.41 -15.82
C ASP A 278 12.27 -4.03 -15.27
N THR A 279 11.29 -3.15 -15.28
CA THR A 279 11.49 -1.80 -14.77
C THR A 279 11.86 -1.88 -13.30
N THR A 280 11.16 -2.74 -12.57
CA THR A 280 11.39 -2.84 -11.13
C THR A 280 12.75 -3.44 -10.86
N LYS A 281 13.02 -4.57 -11.50
CA LYS A 281 14.29 -5.29 -11.28
C LYS A 281 15.49 -4.39 -11.52
N PHE A 282 15.43 -3.62 -12.60
CA PHE A 282 16.52 -2.74 -13.00
C PHE A 282 16.81 -1.71 -11.91
N ILE A 283 15.75 -1.12 -11.38
CA ILE A 283 15.91 -0.15 -10.32
C ILE A 283 16.54 -0.80 -9.09
N VAL A 284 16.01 -1.94 -8.69
CA VAL A 284 16.54 -2.61 -7.51
C VAL A 284 17.98 -3.09 -7.76
N ASP A 285 18.24 -3.63 -8.95
CA ASP A 285 19.61 -3.99 -9.32
C ASP A 285 20.55 -2.82 -9.05
N GLY A 286 20.18 -1.65 -9.56
CA GLY A 286 20.99 -0.46 -9.34
C GLY A 286 21.22 -0.17 -7.87
N TRP A 287 20.16 -0.27 -7.07
CA TRP A 287 20.28 0.01 -5.65
C TRP A 287 21.17 -1.03 -4.98
N HIS A 288 21.07 -2.26 -5.45
CA HIS A 288 21.83 -3.37 -4.89
C HIS A 288 23.31 -3.19 -5.21
N GLU A 289 23.60 -2.79 -6.44
CA GLU A 289 24.97 -2.53 -6.88
C GLU A 289 25.69 -1.52 -5.98
N ASP A 291 24.84 -0.68 -2.88
CA ASP A 291 24.68 -0.98 -1.46
C ASP A 291 24.33 -2.46 -1.28
N ALA A 292 25.32 -3.31 -1.52
CA ALA A 292 25.10 -4.75 -1.64
C ALA A 292 24.75 -5.46 -0.33
N GLU A 293 24.97 -4.79 0.80
CA GLU A 293 24.69 -5.40 2.10
C GLU A 293 23.26 -5.12 2.55
N ASN A 294 22.67 -4.06 1.98
CA ASN A 294 21.30 -3.68 2.31
C ASN A 294 20.33 -4.82 2.01
N PRO A 295 19.61 -5.28 3.04
CA PRO A 295 18.60 -6.33 2.88
C PRO A 295 17.51 -5.94 1.89
N LEU A 296 17.13 -4.67 1.90
CA LEU A 296 16.01 -4.20 1.08
C LEU A 296 16.23 -4.40 -0.42
N HIS A 297 17.49 -4.46 -0.85
CA HIS A 297 17.77 -4.53 -2.27
C HIS A 297 18.26 -5.90 -2.72
N GLN A 298 18.13 -6.90 -1.86
CA GLN A 298 18.52 -8.25 -2.25
C GLN A 298 17.67 -8.71 -3.44
N PRO A 299 18.34 -9.24 -4.47
CA PRO A 299 17.62 -9.70 -5.66
C PRO A 299 16.57 -10.76 -5.29
N SER A 300 15.54 -10.88 -6.11
CA SER A 300 14.53 -11.91 -5.92
C SER A 300 14.67 -12.94 -7.05
N PRO A 301 14.83 -14.21 -6.68
CA PRO A 301 14.89 -15.28 -7.69
C PRO A 301 13.64 -15.25 -8.57
N SER A 302 12.47 -15.14 -7.94
CA SER A 302 11.19 -15.15 -8.66
C SER A 302 11.12 -14.02 -9.66
N LEU A 303 11.56 -12.84 -9.23
CA LEU A 303 11.49 -11.67 -10.08
C LEU A 303 12.49 -11.85 -11.22
N ASN A 304 13.70 -12.23 -10.87
CA ASN A 304 14.75 -12.49 -11.85
C ASN A 304 14.32 -13.50 -12.91
N LYS A 305 13.68 -14.57 -12.47
CA LYS A 305 13.24 -15.62 -13.39
C LYS A 305 12.19 -15.10 -14.37
N LEU A 306 11.21 -14.35 -13.87
CA LEU A 306 10.18 -13.81 -14.75
C LEU A 306 10.78 -12.86 -15.79
N VAL A 307 11.73 -12.03 -15.36
CA VAL A 307 12.32 -11.07 -16.27
C VAL A 307 13.19 -11.80 -17.30
N ALA A 308 13.82 -12.88 -16.86
CA ALA A 308 14.66 -13.67 -17.75
C ALA A 308 13.80 -14.36 -18.81
N GLU A 309 12.56 -14.68 -18.45
CA GLU A 309 11.63 -15.31 -19.39
C GLU A 309 10.84 -14.26 -20.16
N ASN A 310 11.30 -13.02 -20.06
CA ASN A 310 10.63 -11.89 -20.71
C ASN A 310 9.15 -11.77 -20.36
N LYS A 311 8.81 -12.16 -19.14
CA LYS A 311 7.47 -11.92 -18.61
C LYS A 311 7.56 -10.66 -17.76
N PHE A 312 7.17 -9.54 -18.36
CA PHE A 312 7.46 -8.22 -17.80
C PHE A 312 6.25 -7.59 -17.11
N GLY A 313 5.15 -8.33 -17.08
CA GLY A 313 3.92 -7.81 -16.48
C GLY A 313 2.88 -7.54 -17.54
N LYS A 314 1.97 -6.62 -17.23
CA LYS A 314 0.88 -6.28 -18.13
C LYS A 314 1.36 -6.01 -19.56
N LYS A 315 2.53 -5.39 -19.71
CA LYS A 315 2.99 -4.94 -21.02
C LYS A 315 3.46 -6.06 -21.94
N THR A 316 3.65 -7.27 -21.39
CA THR A 316 3.96 -8.43 -22.22
C THR A 316 2.87 -9.47 -22.10
N GLY A 317 1.81 -9.15 -21.37
CA GLY A 317 0.68 -10.05 -21.22
C GLY A 317 0.89 -11.07 -20.10
N GLU A 318 2.05 -11.02 -19.46
CA GLU A 318 2.31 -11.88 -18.31
C GLU A 318 3.46 -11.37 -17.44
N GLY A 319 3.23 -11.38 -16.13
CA GLY A 319 4.28 -11.12 -15.17
C GLY A 319 4.09 -12.16 -14.08
N PHE A 320 3.77 -11.72 -12.87
CA PHE A 320 3.38 -12.64 -11.81
C PHE A 320 2.03 -13.22 -12.15
N TYR A 321 1.22 -12.45 -12.87
CA TYR A 321 -0.10 -12.89 -13.29
C TYR A 321 -0.17 -12.92 -14.82
N LYS A 322 -1.18 -13.60 -15.35
CA LYS A 322 -1.37 -13.67 -16.80
C LYS A 322 -2.50 -12.74 -17.20
N TYR A 323 -2.30 -12.06 -18.31
CA TYR A 323 -3.27 -11.10 -18.83
C TYR A 323 -3.60 -11.45 -20.27
N LYS A 324 -4.85 -11.21 -20.67
CA LYS A 324 -5.26 -11.41 -22.05
C LYS A 324 -6.76 -11.29 -22.21
N SER B 9 -0.36 -51.99 -2.17
CA SER B 9 -0.68 -52.13 -0.75
C SER B 9 -1.00 -50.77 -0.14
N HIS B 10 -0.03 -49.88 -0.13
CA HIS B 10 -0.27 -48.51 0.31
C HIS B 10 -1.03 -47.74 -0.76
N ALA B 12 -3.12 -49.05 -2.78
CA ALA B 12 -4.48 -49.54 -2.65
C ALA B 12 -5.22 -48.81 -1.53
N PHE B 13 -4.55 -48.69 -0.39
CA PHE B 13 -5.13 -48.00 0.77
C PHE B 13 -5.54 -46.56 0.44
N VAL B 14 -4.64 -45.80 -0.16
CA VAL B 14 -4.92 -44.42 -0.54
C VAL B 14 -6.09 -44.39 -1.53
N THR B 15 -6.13 -45.36 -2.41
CA THR B 15 -7.21 -45.45 -3.39
C THR B 15 -8.55 -45.66 -2.68
N ARG B 16 -8.60 -46.64 -1.79
CA ARG B 16 -9.81 -46.89 -1.02
C ARG B 16 -10.22 -45.63 -0.25
N GLN B 17 -9.23 -44.98 0.38
CA GLN B 17 -9.51 -43.75 1.12
C GLN B 17 -10.09 -42.67 0.22
N PHE B 18 -9.51 -42.48 -0.95
CA PHE B 18 -10.04 -41.48 -1.88
C PHE B 18 -11.47 -41.76 -2.32
N ARG B 20 -13.74 -43.58 -0.88
CA ARG B 20 -14.58 -43.39 0.30
C ARG B 20 -14.82 -41.90 0.51
N SER B 21 -13.77 -41.11 0.36
CA SER B 21 -13.83 -39.67 0.64
C SER B 21 -14.75 -38.90 -0.31
N VAL B 22 -14.91 -39.42 -1.52
CA VAL B 22 -15.81 -38.77 -2.49
C VAL B 22 -17.22 -39.35 -2.43
N SER B 23 -17.42 -40.35 -1.57
CA SER B 23 -18.72 -41.02 -1.50
C SER B 23 -19.75 -40.10 -0.85
N SER B 24 -21.02 -40.28 -1.22
CA SER B 24 -22.11 -39.46 -0.69
C SER B 24 -22.13 -39.50 0.83
N SER B 25 -21.92 -40.69 1.37
CA SER B 25 -21.94 -40.92 2.81
C SER B 25 -20.85 -40.12 3.52
N SER B 26 -19.63 -40.18 2.99
CA SER B 26 -18.51 -39.49 3.61
C SER B 26 -18.65 -37.98 3.47
N THR B 27 -19.14 -37.52 2.32
CA THR B 27 -19.28 -36.08 2.09
C THR B 27 -20.40 -35.49 2.95
N ALA B 28 -21.51 -36.21 3.05
CA ALA B 28 -22.59 -35.80 3.94
C ALA B 28 -22.07 -35.75 5.39
N SER B 29 -21.38 -36.80 5.80
CA SER B 29 -20.84 -36.90 7.14
C SER B 29 -19.90 -35.73 7.46
N ALA B 30 -18.89 -35.52 6.62
CA ALA B 30 -17.92 -34.46 6.86
C ALA B 30 -18.63 -33.12 6.99
N SER B 31 -19.61 -32.90 6.12
CA SER B 31 -20.40 -31.67 6.13
C SER B 31 -21.14 -31.53 7.46
N ALA B 32 -21.70 -32.64 7.93
CA ALA B 32 -22.47 -32.66 9.17
C ALA B 32 -21.61 -32.41 10.43
N LYS B 33 -20.31 -32.69 10.33
CA LYS B 33 -19.42 -32.53 11.48
C LYS B 33 -18.92 -31.10 11.64
N LYS B 34 -19.12 -30.30 10.60
CA LYS B 34 -18.72 -28.90 10.65
C LYS B 34 -19.46 -28.19 11.76
N ILE B 35 -18.71 -27.46 12.58
CA ILE B 35 -19.30 -26.66 13.63
C ILE B 35 -19.25 -25.19 13.24
N ILE B 36 -20.41 -24.63 12.94
CA ILE B 36 -20.52 -23.25 12.54
C ILE B 36 -20.39 -22.39 13.79
N VAL B 37 -19.49 -21.42 13.75
CA VAL B 37 -19.36 -20.48 14.87
C VAL B 37 -20.62 -19.62 14.96
N LYS B 38 -21.38 -19.81 16.03
CA LYS B 38 -22.57 -19.01 16.29
C LYS B 38 -22.38 -18.17 17.55
N HIS B 39 -21.73 -18.75 18.56
CA HIS B 39 -21.51 -18.02 19.81
C HIS B 39 -20.06 -17.61 19.95
N VAL B 40 -19.85 -16.32 20.17
CA VAL B 40 -18.50 -15.78 20.21
C VAL B 40 -18.28 -15.04 21.52
N THR B 41 -17.14 -15.33 22.16
CA THR B 41 -16.73 -14.61 23.35
C THR B 41 -15.57 -13.73 22.91
N VAL B 42 -15.76 -12.42 23.03
CA VAL B 42 -14.71 -11.48 22.67
C VAL B 42 -14.14 -10.92 23.97
N ILE B 43 -12.82 -11.02 24.10
CA ILE B 43 -12.15 -10.62 25.33
C ILE B 43 -11.31 -9.39 25.06
N GLY B 44 -11.68 -8.30 25.72
CA GLY B 44 -11.05 -7.01 25.52
C GLY B 44 -12.09 -6.05 24.97
N GLY B 45 -12.41 -5.02 25.75
CA GLY B 45 -13.42 -4.06 25.35
C GLY B 45 -12.86 -2.79 24.71
N GLY B 46 -11.58 -2.83 24.34
CA GLY B 46 -10.97 -1.73 23.60
C GLY B 46 -11.50 -1.64 22.18
N LEU B 47 -10.90 -0.76 21.38
CA LEU B 47 -11.35 -0.51 20.02
C LEU B 47 -11.49 -1.80 19.22
N GLY B 49 -11.57 -5.16 20.26
CA GLY B 49 -12.54 -6.14 20.76
C GLY B 49 -13.97 -5.66 20.59
N ALA B 50 -14.22 -4.39 20.90
CA ALA B 50 -15.55 -3.82 20.74
C ALA B 50 -15.97 -3.90 19.28
N GLY B 51 -15.05 -3.57 18.38
CA GLY B 51 -15.33 -3.62 16.97
C GLY B 51 -15.63 -5.03 16.54
N ILE B 52 -14.87 -5.99 17.04
CA ILE B 52 -15.10 -7.38 16.69
C ILE B 52 -16.47 -7.80 17.20
N ALA B 53 -16.77 -7.46 18.46
CA ALA B 53 -18.05 -7.79 19.06
C ALA B 53 -19.19 -7.19 18.23
N GLN B 54 -19.00 -5.95 17.81
CA GLN B 54 -20.02 -5.25 17.04
C GLN B 54 -20.35 -5.94 15.71
N VAL B 55 -19.32 -6.30 14.95
N VAL B 55 -19.32 -6.31 14.95
CA VAL B 55 -19.55 -6.94 13.65
CA VAL B 55 -19.53 -6.94 13.66
C VAL B 55 -20.16 -8.31 13.87
C VAL B 55 -20.04 -8.37 13.77
N ALA B 56 -19.63 -9.07 14.83
CA ALA B 56 -20.12 -10.42 15.06
C ALA B 56 -21.62 -10.33 15.38
N ALA B 57 -21.99 -9.42 16.28
CA ALA B 57 -23.39 -9.25 16.62
C ALA B 57 -24.24 -8.78 15.44
N ALA B 58 -23.70 -7.84 14.66
CA ALA B 58 -24.45 -7.25 13.55
C ALA B 58 -24.72 -8.30 12.49
N THR B 59 -23.90 -9.34 12.46
CA THR B 59 -24.03 -10.37 11.44
C THR B 59 -24.61 -11.65 12.01
N GLY B 60 -25.33 -11.52 13.12
CA GLY B 60 -26.18 -12.61 13.59
C GLY B 60 -25.52 -13.59 14.52
N HIS B 61 -24.32 -13.27 15.00
CA HIS B 61 -23.67 -14.10 16.00
C HIS B 61 -24.07 -13.63 17.39
N THR B 62 -24.06 -14.54 18.35
CA THR B 62 -24.34 -14.16 19.72
C THR B 62 -22.98 -13.88 20.33
N VAL B 63 -22.87 -12.78 21.07
CA VAL B 63 -21.57 -12.35 21.54
C VAL B 63 -21.61 -12.13 23.02
N VAL B 64 -20.56 -12.57 23.70
CA VAL B 64 -20.28 -12.06 25.02
C VAL B 64 -19.02 -11.24 24.93
N LEU B 65 -19.10 -9.98 25.36
CA LEU B 65 -17.94 -9.11 25.41
C LEU B 65 -17.45 -9.12 26.85
N VAL B 66 -16.14 -9.30 27.01
CA VAL B 66 -15.54 -9.47 28.31
C VAL B 66 -14.47 -8.43 28.56
N ASP B 67 -14.53 -7.82 29.73
CA ASP B 67 -13.46 -6.97 30.19
C ASP B 67 -13.57 -6.88 31.71
N GLN B 68 -12.70 -6.08 32.32
CA GLN B 68 -12.40 -6.19 33.75
C GLN B 68 -13.49 -5.77 34.72
N THR B 69 -14.27 -4.76 34.37
CA THR B 69 -15.31 -4.29 35.28
C THR B 69 -16.56 -3.93 34.50
N GLU B 70 -17.67 -3.81 35.21
CA GLU B 70 -18.93 -3.41 34.60
C GLU B 70 -18.83 -2.04 33.96
N ASP B 71 -18.15 -1.10 34.62
CA ASP B 71 -18.00 0.24 34.08
C ASP B 71 -17.29 0.21 32.73
N ILE B 72 -16.20 -0.56 32.65
CA ILE B 72 -15.45 -0.68 31.41
C ILE B 72 -16.35 -1.27 30.32
N LEU B 73 -17.10 -2.29 30.69
CA LEU B 73 -17.99 -2.96 29.73
C LEU B 73 -19.11 -2.05 29.29
N ALA B 74 -19.68 -1.31 30.24
CA ALA B 74 -20.76 -0.38 29.92
C ALA B 74 -20.26 0.63 28.91
N LYS B 75 -19.07 1.16 29.17
CA LYS B 75 -18.48 2.14 28.26
C LYS B 75 -18.14 1.56 26.89
N SER B 76 -17.62 0.34 26.86
CA SER B 76 -17.35 -0.32 25.58
C SER B 76 -18.65 -0.49 24.81
N LYS B 77 -19.70 -0.96 25.48
CA LYS B 77 -20.96 -1.19 24.79
C LYS B 77 -21.59 0.12 24.33
N LYS B 78 -21.39 1.18 25.12
CA LYS B 78 -21.87 2.51 24.75
C LYS B 78 -21.21 2.93 23.43
N GLY B 79 -19.91 2.70 23.32
CA GLY B 79 -19.17 2.94 22.09
C GLY B 79 -19.73 2.15 20.91
N ILE B 80 -20.09 0.89 21.15
CA ILE B 80 -20.67 0.08 20.11
C ILE B 80 -22.04 0.65 19.69
N GLU B 81 -22.86 0.98 20.67
CA GLU B 81 -24.16 1.57 20.39
C GLU B 81 -24.01 2.81 19.50
N GLU B 82 -23.07 3.67 19.86
CA GLU B 82 -22.84 4.89 19.10
C GLU B 82 -22.36 4.60 17.70
N SER B 83 -21.50 3.59 17.55
CA SER B 83 -21.08 3.21 16.22
C SER B 83 -22.26 2.63 15.42
N LEU B 84 -23.05 1.79 16.06
CA LEU B 84 -24.22 1.20 15.39
C LEU B 84 -25.25 2.26 14.95
N ARG B 85 -25.47 3.25 15.81
CA ARG B 85 -26.38 4.34 15.47
C ARG B 85 -25.91 5.11 14.22
N LYS B 86 -24.59 5.26 14.08
CA LYS B 86 -24.05 5.81 12.84
C LYS B 86 -24.28 4.93 11.64
N VAL B 87 -24.04 3.63 11.80
CA VAL B 87 -24.28 2.66 10.72
C VAL B 87 -25.76 2.75 10.33
N ALA B 88 -26.62 2.82 11.33
CA ALA B 88 -28.07 2.83 11.13
C ALA B 88 -28.52 4.04 10.31
N LYS B 89 -27.94 5.20 10.59
CA LYS B 89 -28.24 6.42 9.82
C LYS B 89 -27.86 6.25 8.35
N LYS B 90 -26.82 5.48 8.08
CA LYS B 90 -26.40 5.22 6.71
C LYS B 90 -27.24 4.11 6.05
N LYS B 91 -27.39 3.01 6.78
CA LYS B 91 -28.20 1.88 6.30
C LYS B 91 -29.63 2.33 6.00
N PHE B 92 -30.17 3.20 6.87
CA PHE B 92 -31.59 3.53 6.85
C PHE B 92 -31.82 5.02 7.03
N ALA B 93 -31.20 5.82 6.16
CA ALA B 93 -31.28 7.27 6.28
C ALA B 93 -32.73 7.76 6.35
N GLU B 94 -33.62 7.04 5.69
CA GLU B 94 -35.00 7.51 5.56
C GLU B 94 -36.00 6.72 6.42
N ASN B 95 -35.49 5.96 7.38
CA ASN B 95 -36.37 5.18 8.24
C ASN B 95 -35.75 4.98 9.63
N PRO B 96 -35.96 5.94 10.55
CA PRO B 96 -35.39 5.82 11.90
C PRO B 96 -35.80 4.52 12.58
N LYS B 97 -37.06 4.13 12.45
CA LYS B 97 -37.50 2.88 13.05
C LYS B 97 -36.69 1.64 12.61
N ALA B 98 -36.48 1.49 11.31
CA ALA B 98 -35.66 0.38 10.82
C ALA B 98 -34.27 0.46 11.43
N GLY B 99 -33.71 1.67 11.49
CA GLY B 99 -32.41 1.87 12.11
C GLY B 99 -32.42 1.51 13.59
N ASP B 100 -33.42 1.97 14.31
CA ASP B 100 -33.58 1.64 15.73
C ASP B 100 -33.60 0.14 15.98
N GLU B 101 -34.37 -0.56 15.18
CA GLU B 101 -34.51 -2.01 15.32
C GLU B 101 -33.17 -2.69 15.07
N PHE B 102 -32.43 -2.21 14.09
CA PHE B 102 -31.13 -2.79 13.80
C PHE B 102 -30.20 -2.61 15.00
N VAL B 103 -30.14 -1.37 15.49
CA VAL B 103 -29.30 -1.07 16.63
C VAL B 103 -29.69 -1.89 17.86
N GLU B 104 -30.97 -1.90 18.19
CA GLU B 104 -31.44 -2.60 19.39
C GLU B 104 -31.22 -4.10 19.29
N LYS B 105 -31.54 -4.66 18.14
CA LYS B 105 -31.35 -6.08 17.91
C LYS B 105 -29.86 -6.44 18.06
N THR B 106 -29.00 -5.66 17.41
CA THR B 106 -27.57 -5.93 17.48
C THR B 106 -27.07 -5.84 18.91
N LEU B 107 -27.42 -4.74 19.59
CA LEU B 107 -26.97 -4.50 20.95
C LEU B 107 -27.44 -5.62 21.87
N SER B 108 -28.68 -6.06 21.68
CA SER B 108 -29.27 -7.05 22.56
C SER B 108 -28.54 -8.40 22.45
N THR B 109 -27.84 -8.64 21.35
CA THR B 109 -27.13 -9.91 21.20
C THR B 109 -25.68 -9.80 21.69
N ILE B 110 -25.33 -8.66 22.27
CA ILE B 110 -24.02 -8.51 22.90
C ILE B 110 -24.20 -8.50 24.41
N ALA B 111 -23.87 -9.61 25.04
CA ALA B 111 -23.90 -9.69 26.49
C ALA B 111 -22.53 -9.27 26.98
N THR B 112 -22.43 -8.98 28.26
CA THR B 112 -21.16 -8.54 28.84
C THR B 112 -20.92 -9.31 30.13
N SER B 113 -19.68 -9.73 30.32
CA SER B 113 -19.28 -10.46 31.52
C SER B 113 -17.87 -10.07 31.87
N THR B 114 -17.54 -10.05 33.15
CA THR B 114 -16.20 -9.67 33.57
C THR B 114 -15.27 -10.86 33.64
N ASP B 115 -15.83 -12.07 33.65
CA ASP B 115 -14.98 -13.26 33.68
C ASP B 115 -15.30 -14.16 32.51
N ALA B 116 -14.40 -14.21 31.54
CA ALA B 116 -14.63 -15.02 30.35
C ALA B 116 -14.88 -16.48 30.70
N ALA B 117 -14.22 -16.96 31.76
CA ALA B 117 -14.31 -18.36 32.11
C ALA B 117 -15.75 -18.76 32.42
N SER B 118 -16.56 -17.76 32.79
CA SER B 118 -17.96 -18.03 33.15
C SER B 118 -18.83 -18.35 31.95
N VAL B 119 -18.37 -18.01 30.76
CA VAL B 119 -19.21 -18.22 29.58
C VAL B 119 -18.63 -19.12 28.51
N VAL B 120 -17.33 -19.43 28.58
CA VAL B 120 -16.70 -20.14 27.47
C VAL B 120 -17.08 -21.60 27.37
N HIS B 121 -17.68 -22.14 28.41
CA HIS B 121 -18.03 -23.56 28.40
C HIS B 121 -19.10 -23.81 27.34
N SER B 122 -19.75 -22.75 26.89
CA SER B 122 -20.79 -22.89 25.87
C SER B 122 -20.60 -21.94 24.71
N THR B 123 -19.36 -21.50 24.49
CA THR B 123 -19.05 -20.63 23.35
C THR B 123 -18.40 -21.46 22.24
N ASP B 124 -18.49 -21.00 21.00
CA ASP B 124 -17.83 -21.67 19.88
C ASP B 124 -16.48 -21.07 19.57
N LEU B 125 -16.29 -19.82 19.94
CA LEU B 125 -15.07 -19.14 19.55
C LEU B 125 -14.75 -18.07 20.56
N VAL B 126 -13.50 -18.09 21.02
CA VAL B 126 -12.97 -17.01 21.83
C VAL B 126 -12.06 -16.18 20.95
N VAL B 127 -12.30 -14.87 20.90
CA VAL B 127 -11.37 -14.00 20.20
C VAL B 127 -10.79 -13.05 21.22
N GLU B 128 -9.49 -13.13 21.42
CA GLU B 128 -8.83 -12.37 22.45
C GLU B 128 -8.23 -11.12 21.82
N ALA B 129 -8.60 -9.97 22.35
CA ALA B 129 -8.06 -8.71 21.89
C ALA B 129 -7.66 -7.88 23.10
N ILE B 130 -6.76 -8.43 23.89
CA ILE B 130 -6.31 -7.73 25.10
C ILE B 130 -4.88 -7.24 24.96
N VAL B 131 -4.35 -6.72 26.06
CA VAL B 131 -3.00 -6.17 26.12
C VAL B 131 -1.99 -7.12 25.46
N GLU B 132 -1.05 -6.56 24.72
CA GLU B 132 -0.05 -7.35 24.01
C GLU B 132 1.06 -7.77 24.96
N ASN B 133 0.71 -8.65 25.88
CA ASN B 133 1.68 -9.18 26.82
C ASN B 133 1.54 -10.69 26.88
N LEU B 134 2.62 -11.39 26.51
CA LEU B 134 2.52 -12.83 26.34
C LEU B 134 2.11 -13.52 27.63
N LYS B 135 2.66 -13.06 28.75
CA LYS B 135 2.37 -13.67 30.03
C LYS B 135 0.88 -13.53 30.36
N VAL B 136 0.33 -12.35 30.14
CA VAL B 136 -1.08 -12.11 30.44
C VAL B 136 -1.97 -12.95 29.52
N LYS B 137 -1.70 -12.91 28.22
CA LYS B 137 -2.45 -13.73 27.28
C LYS B 137 -2.38 -15.20 27.64
N ASN B 138 -1.19 -15.65 28.03
CA ASN B 138 -1.01 -17.05 28.33
C ASN B 138 -1.75 -17.47 29.59
N GLU B 139 -1.73 -16.60 30.60
CA GLU B 139 -2.48 -16.86 31.82
C GLU B 139 -3.95 -17.00 31.44
N LEU B 140 -4.43 -16.06 30.64
CA LEU B 140 -5.83 -16.07 30.19
C LEU B 140 -6.20 -17.37 29.52
N PHE B 141 -5.46 -17.71 28.48
CA PHE B 141 -5.80 -18.88 27.67
C PHE B 141 -5.64 -20.21 28.39
N LYS B 142 -4.60 -20.35 29.21
CA LYS B 142 -4.42 -21.56 30.00
C LYS B 142 -5.65 -21.78 30.88
N ARG B 143 -6.15 -20.72 31.51
CA ARG B 143 -7.36 -20.80 32.31
C ARG B 143 -8.63 -21.07 31.48
N LEU B 144 -8.83 -20.33 30.38
CA LEU B 144 -10.01 -20.59 29.57
C LEU B 144 -10.00 -22.01 29.04
N ASP B 145 -8.81 -22.53 28.76
CA ASP B 145 -8.66 -23.90 28.27
C ASP B 145 -9.39 -24.89 29.18
N LYS B 146 -9.35 -24.65 30.50
CA LYS B 146 -9.99 -25.52 31.49
C LYS B 146 -11.51 -25.48 31.40
N PHE B 147 -12.05 -24.29 31.09
CA PHE B 147 -13.49 -24.06 31.12
C PHE B 147 -14.18 -24.25 29.78
N ALA B 148 -13.45 -24.05 28.68
CA ALA B 148 -14.08 -24.03 27.36
C ALA B 148 -14.56 -25.41 26.92
N ALA B 149 -15.66 -25.43 26.17
CA ALA B 149 -16.15 -26.68 25.59
C ALA B 149 -15.07 -27.26 24.71
N GLU B 150 -15.11 -28.57 24.49
CA GLU B 150 -14.10 -29.21 23.68
C GLU B 150 -14.01 -28.58 22.28
N HIS B 151 -15.17 -28.32 21.69
CA HIS B 151 -15.17 -27.83 20.31
C HIS B 151 -14.71 -26.38 20.23
N THR B 152 -14.63 -25.71 21.37
CA THR B 152 -14.34 -24.28 21.36
C THR B 152 -13.01 -23.94 20.70
N ILE B 153 -13.06 -23.02 19.75
CA ILE B 153 -11.84 -22.51 19.12
C ILE B 153 -11.31 -21.27 19.85
N PHE B 154 -9.99 -21.19 20.00
CA PHE B 154 -9.37 -20.00 20.61
C PHE B 154 -8.66 -19.24 19.52
N ALA B 155 -8.86 -17.94 19.46
CA ALA B 155 -8.15 -17.13 18.49
C ALA B 155 -7.63 -15.86 19.15
N SER B 156 -6.46 -15.41 18.71
CA SER B 156 -5.91 -14.16 19.21
C SER B 156 -5.87 -13.12 18.10
N ASN B 157 -6.18 -11.88 18.44
CA ASN B 157 -6.08 -10.76 17.51
C ASN B 157 -4.73 -10.04 17.61
N THR B 158 -3.77 -10.69 18.26
CA THR B 158 -2.48 -10.08 18.54
C THR B 158 -1.75 -9.63 17.28
N SER B 159 -1.05 -8.50 17.39
CA SER B 159 -0.25 -7.98 16.29
C SER B 159 1.25 -8.10 16.58
N SER B 160 1.61 -8.40 17.82
CA SER B 160 3.03 -8.42 18.19
C SER B 160 3.54 -9.75 18.72
N LEU B 161 2.66 -10.72 18.89
CA LEU B 161 3.11 -12.01 19.40
C LEU B 161 2.88 -13.10 18.38
N GLN B 162 3.69 -14.16 18.42
CA GLN B 162 3.44 -15.30 17.54
C GLN B 162 2.29 -16.10 18.10
N ILE B 163 1.37 -16.51 17.23
CA ILE B 163 0.24 -17.32 17.67
C ILE B 163 0.74 -18.57 18.39
N THR B 164 1.78 -19.18 17.85
CA THR B 164 2.30 -20.42 18.40
C THR B 164 2.63 -20.25 19.87
N SER B 165 3.18 -19.11 20.24
CA SER B 165 3.62 -18.86 21.62
C SER B 165 2.43 -18.85 22.57
N ILE B 166 1.30 -18.37 22.10
CA ILE B 166 0.10 -18.29 22.93
C ILE B 166 -0.58 -19.65 22.92
N ALA B 167 -0.63 -20.27 21.75
CA ALA B 167 -1.29 -21.56 21.59
C ALA B 167 -0.75 -22.59 22.59
N ASN B 168 0.56 -22.54 22.83
CA ASN B 168 1.19 -23.51 23.69
C ASN B 168 0.91 -23.29 25.18
N ALA B 169 0.16 -22.25 25.50
CA ALA B 169 -0.30 -22.07 26.87
C ALA B 169 -1.47 -23.00 27.13
N THR B 170 -2.02 -23.57 26.06
CA THR B 170 -3.15 -24.45 26.17
C THR B 170 -2.75 -25.83 25.71
N THR B 171 -3.66 -26.78 25.85
CA THR B 171 -3.50 -28.10 25.26
C THR B 171 -4.52 -28.30 24.12
N ARG B 172 -5.02 -27.19 23.57
CA ARG B 172 -5.90 -27.29 22.42
C ARG B 172 -5.31 -26.57 21.22
N GLN B 173 -4.03 -26.80 20.96
CA GLN B 173 -3.34 -26.11 19.86
C GLN B 173 -4.01 -26.37 18.51
N ASP B 174 -4.70 -27.49 18.38
CA ASP B 174 -5.37 -27.82 17.13
C ASP B 174 -6.53 -26.86 16.94
N ARG B 175 -6.97 -26.25 18.04
CA ARG B 175 -8.14 -25.37 18.05
C ARG B 175 -7.72 -23.94 18.37
N PHE B 176 -6.45 -23.63 18.11
CA PHE B 176 -5.92 -22.30 18.37
C PHE B 176 -5.39 -21.69 17.08
N ALA B 177 -5.76 -20.45 16.82
CA ALA B 177 -5.27 -19.77 15.62
C ALA B 177 -5.17 -18.28 15.87
N GLY B 178 -4.62 -17.55 14.92
CA GLY B 178 -4.69 -16.12 14.96
C GLY B 178 -5.88 -15.73 14.12
N LEU B 179 -6.60 -14.70 14.56
CA LEU B 179 -7.68 -14.13 13.79
C LEU B 179 -7.49 -12.63 13.92
N HIS B 180 -6.90 -12.04 12.89
CA HIS B 180 -6.34 -10.70 12.99
C HIS B 180 -7.17 -9.72 12.18
N PHE B 181 -7.79 -8.77 12.86
CA PHE B 181 -8.67 -7.78 12.26
C PHE B 181 -7.99 -6.44 12.11
N PHE B 182 -8.71 -5.49 11.52
CA PHE B 182 -8.16 -4.16 11.30
C PHE B 182 -9.12 -3.06 11.66
N ASN B 183 -8.58 -2.03 12.30
CA ASN B 183 -9.35 -0.88 12.74
C ASN B 183 -9.75 0.01 11.57
N PRO B 184 -11.03 0.43 11.49
CA PRO B 184 -12.16 0.08 12.36
C PRO B 184 -12.70 -1.27 11.97
N VAL B 185 -12.85 -2.16 12.93
CA VAL B 185 -13.21 -3.53 12.61
C VAL B 185 -14.50 -3.63 11.78
N PRO B 186 -15.52 -2.84 12.12
CA PRO B 186 -16.73 -3.01 11.31
C PRO B 186 -16.55 -2.60 9.86
N VAL B 187 -15.61 -1.70 9.60
CA VAL B 187 -15.41 -1.18 8.26
C VAL B 187 -14.42 -2.00 7.44
N LYS B 189 -12.67 -4.90 5.75
CA LYS B 189 -13.27 -6.15 5.33
C LYS B 189 -12.27 -7.30 5.27
N LEU B 190 -11.11 -7.12 5.89
CA LEU B 190 -10.09 -8.13 5.81
C LEU B 190 -9.95 -8.80 7.17
N VAL B 191 -9.71 -10.10 7.17
CA VAL B 191 -9.31 -10.81 8.38
C VAL B 191 -8.16 -11.68 7.98
N GLU B 192 -7.08 -11.66 8.75
CA GLU B 192 -5.99 -12.60 8.47
C GLU B 192 -6.19 -13.79 9.38
N VAL B 193 -6.31 -14.97 8.79
CA VAL B 193 -6.53 -16.19 9.56
C VAL B 193 -5.20 -16.89 9.63
N ILE B 194 -4.68 -17.07 10.83
CA ILE B 194 -3.31 -17.55 10.98
C ILE B 194 -3.26 -18.94 11.59
N LYS B 195 -2.82 -19.90 10.78
CA LYS B 195 -2.57 -21.24 11.30
C LYS B 195 -1.19 -21.29 11.92
N THR B 196 -1.08 -21.97 13.05
CA THR B 196 0.23 -22.40 13.51
C THR B 196 0.42 -23.77 12.87
N PRO B 197 1.61 -24.35 13.02
CA PRO B 197 1.79 -25.70 12.48
C PRO B 197 0.85 -26.69 13.15
N THR B 199 -2.42 -25.88 14.20
CA THR B 199 -3.83 -25.61 13.93
C THR B 199 -4.38 -26.64 12.94
N SER B 200 -5.53 -27.24 13.27
CA SER B 200 -6.16 -28.19 12.37
C SER B 200 -6.83 -27.50 11.17
N GLN B 201 -7.06 -28.25 10.10
CA GLN B 201 -7.77 -27.74 8.95
C GLN B 201 -9.22 -27.44 9.35
N LYS B 202 -9.77 -28.25 10.25
CA LYS B 202 -11.13 -28.04 10.74
C LYS B 202 -11.23 -26.65 11.36
N THR B 203 -10.30 -26.35 12.24
CA THR B 203 -10.28 -25.07 12.93
C THR B 203 -10.11 -23.94 11.92
N PHE B 204 -9.17 -24.11 10.99
CA PHE B 204 -8.92 -23.11 9.97
C PHE B 204 -10.16 -22.82 9.11
N GLU B 205 -10.83 -23.86 8.64
CA GLU B 205 -12.02 -23.68 7.82
C GLU B 205 -13.18 -23.04 8.59
N SER B 206 -13.33 -23.38 9.86
CA SER B 206 -14.37 -22.77 10.68
CA SER B 206 -14.38 -22.77 10.67
C SER B 206 -14.16 -21.26 10.76
N LEU B 207 -12.90 -20.85 10.89
CA LEU B 207 -12.56 -19.43 11.02
C LEU B 207 -12.66 -18.69 9.68
N VAL B 208 -12.28 -19.37 8.61
CA VAL B 208 -12.52 -18.85 7.27
C VAL B 208 -14.01 -18.62 7.09
N ASP B 209 -14.80 -19.62 7.47
CA ASP B 209 -16.26 -19.52 7.35
C ASP B 209 -16.82 -18.41 8.24
N PHE B 210 -16.32 -18.35 9.48
CA PHE B 210 -16.72 -17.30 10.39
C PHE B 210 -16.38 -15.95 9.78
N SER B 211 -15.20 -15.84 9.19
CA SER B 211 -14.77 -14.55 8.64
C SER B 211 -15.73 -14.08 7.56
N LYS B 212 -16.11 -14.98 6.67
CA LYS B 212 -17.09 -14.68 5.63
C LYS B 212 -18.46 -14.38 6.23
N ALA B 213 -18.82 -15.05 7.31
CA ALA B 213 -20.09 -14.79 7.95
C ALA B 213 -20.11 -13.38 8.55
N LEU B 214 -18.95 -12.80 8.82
CA LEU B 214 -18.84 -11.44 9.33
C LEU B 214 -18.91 -10.42 8.19
N GLY B 215 -19.01 -10.91 6.96
CA GLY B 215 -19.04 -10.03 5.81
C GLY B 215 -17.63 -9.66 5.38
N LYS B 216 -16.66 -10.47 5.81
CA LYS B 216 -15.27 -10.14 5.53
C LYS B 216 -14.57 -11.14 4.62
N HIS B 217 -13.40 -10.74 4.13
CA HIS B 217 -12.62 -11.57 3.23
C HIS B 217 -11.42 -12.08 4.01
N PRO B 218 -11.43 -13.38 4.35
CA PRO B 218 -10.30 -13.93 5.10
C PRO B 218 -9.14 -14.20 4.17
N VAL B 219 -7.93 -13.91 4.63
CA VAL B 219 -6.74 -14.37 3.93
C VAL B 219 -5.93 -15.19 4.89
N SER B 220 -5.04 -16.00 4.34
CA SER B 220 -4.24 -16.92 5.12
C SER B 220 -2.79 -16.49 5.15
N CYS B 221 -2.15 -16.63 6.30
CA CYS B 221 -0.73 -16.34 6.39
C CYS B 221 -0.13 -17.25 7.43
N LYS B 222 1.15 -17.54 7.26
CA LYS B 222 1.90 -18.34 8.20
C LYS B 222 1.99 -17.53 9.49
N ASP B 223 2.19 -18.20 10.61
CA ASP B 223 2.39 -17.51 11.89
C ASP B 223 3.78 -16.88 11.90
N THR B 224 3.95 -15.83 11.11
CA THR B 224 5.19 -15.09 11.01
C THR B 224 4.92 -13.66 11.46
N PRO B 225 5.95 -12.98 11.99
CA PRO B 225 5.82 -11.63 12.54
C PRO B 225 5.19 -10.67 11.57
N GLY B 226 4.09 -10.01 11.97
CA GLY B 226 3.44 -9.04 11.10
C GLY B 226 2.46 -9.65 10.11
N PHE B 227 2.39 -10.99 10.05
CA PHE B 227 1.53 -11.70 9.11
C PHE B 227 1.71 -11.11 7.72
N ILE B 228 0.63 -10.71 7.06
CA ILE B 228 0.78 -9.99 5.78
C ILE B 228 0.76 -8.47 5.91
N VAL B 229 -0.39 -7.94 6.35
CA VAL B 229 -0.56 -6.49 6.27
C VAL B 229 0.54 -5.73 7.03
N ASN B 230 0.69 -6.01 8.31
CA ASN B 230 1.63 -5.24 9.11
C ASN B 230 3.06 -5.48 8.65
N ARG B 231 3.32 -6.72 8.23
CA ARG B 231 4.66 -7.08 7.76
C ARG B 231 5.09 -6.22 6.58
N LEU B 232 4.12 -5.81 5.77
CA LEU B 232 4.40 -5.03 4.59
C LEU B 232 4.15 -3.55 4.79
N LEU B 233 3.20 -3.23 5.65
CA LEU B 233 2.83 -1.83 5.91
C LEU B 233 3.79 -1.14 6.88
N VAL B 234 4.03 -1.77 8.02
CA VAL B 234 4.73 -1.10 9.10
C VAL B 234 6.20 -0.74 8.76
N PRO B 235 6.94 -1.66 8.13
CA PRO B 235 8.31 -1.31 7.72
C PRO B 235 8.31 -0.19 6.69
N TYR B 236 7.24 -0.09 5.90
CA TYR B 236 7.17 1.01 4.93
C TYR B 236 6.95 2.33 5.68
N LEU B 237 6.07 2.31 6.67
CA LEU B 237 5.86 3.51 7.49
C LEU B 237 7.17 3.92 8.16
N GLU B 239 10.19 3.34 7.08
CA GLU B 239 11.01 3.91 6.02
C GLU B 239 10.63 5.35 5.69
N ALA B 240 9.33 5.62 5.70
CA ALA B 240 8.88 6.99 5.46
C ALA B 240 9.41 7.89 6.55
N ILE B 241 9.28 7.47 7.80
CA ILE B 241 9.82 8.28 8.89
C ILE B 241 11.30 8.51 8.66
N ARG B 242 12.03 7.44 8.30
CA ARG B 242 13.48 7.55 8.15
C ARG B 242 13.88 8.52 7.04
N LEU B 243 13.11 8.53 5.95
CA LEU B 243 13.39 9.41 4.84
C LEU B 243 13.23 10.86 5.31
N TYR B 244 12.16 11.11 6.05
CA TYR B 244 11.94 12.41 6.65
C TYR B 244 13.07 12.76 7.62
N GLU B 245 13.46 11.81 8.46
CA GLU B 245 14.49 12.09 9.48
C GLU B 245 15.85 12.36 8.83
N ARG B 246 16.08 11.74 7.68
CA ARG B 246 17.28 12.03 6.92
C ARG B 246 17.28 13.46 6.41
N GLY B 247 16.12 14.11 6.46
CA GLY B 247 15.95 15.43 5.91
C GLY B 247 15.77 15.46 4.39
N ASP B 248 15.51 14.31 3.79
CA ASP B 248 15.44 14.20 2.33
C ASP B 248 14.17 14.83 1.76
N ALA B 249 13.14 14.89 2.59
CA ALA B 249 11.85 15.43 2.19
C ALA B 249 10.98 15.68 3.41
N SER B 250 10.03 16.60 3.28
CA SER B 250 9.16 16.93 4.40
C SER B 250 8.07 15.88 4.56
N LYS B 251 7.48 15.81 5.75
CA LYS B 251 6.39 14.88 6.02
C LYS B 251 5.25 15.16 5.05
N GLU B 252 4.97 16.44 4.85
CA GLU B 252 3.84 16.85 4.03
C GLU B 252 4.03 16.39 2.60
N ASP B 253 5.23 16.61 2.07
CA ASP B 253 5.55 16.16 0.71
C ASP B 253 5.55 14.66 0.54
N ILE B 254 6.03 13.94 1.56
CA ILE B 254 6.04 12.48 1.49
C ILE B 254 4.59 11.98 1.47
N ASP B 255 3.75 12.57 2.31
CA ASP B 255 2.33 12.21 2.32
C ASP B 255 1.68 12.48 0.96
N THR B 256 1.94 13.65 0.41
CA THR B 256 1.40 14.01 -0.90
C THR B 256 1.91 13.03 -1.95
N ALA B 257 3.20 12.71 -1.88
CA ALA B 257 3.82 11.83 -2.85
C ALA B 257 3.15 10.45 -2.83
N LYS B 259 0.10 9.68 -1.64
CA LYS B 259 -1.31 9.76 -2.02
C LYS B 259 -1.44 9.90 -3.54
N LEU B 260 -0.67 10.83 -4.10
CA LEU B 260 -0.78 11.13 -5.53
C LEU B 260 0.07 10.20 -6.38
N GLY B 261 1.18 9.74 -5.83
CA GLY B 261 2.11 8.92 -6.58
C GLY B 261 1.77 7.46 -6.48
N ALA B 262 1.21 7.04 -5.35
CA ALA B 262 0.93 5.63 -5.13
C ALA B 262 -0.54 5.35 -4.93
N GLY B 263 -1.37 6.41 -4.93
CA GLY B 263 -2.81 6.25 -4.80
C GLY B 263 -3.26 5.83 -3.41
N TYR B 264 -2.41 6.04 -2.41
CA TYR B 264 -2.75 5.67 -1.05
C TYR B 264 -3.79 6.62 -0.48
N PRO B 265 -4.77 6.09 0.25
CA PRO B 265 -5.79 6.99 0.83
C PRO B 265 -5.15 8.00 1.77
N GLY B 267 -1.21 9.43 3.33
CA GLY B 267 0.24 9.39 3.29
C GLY B 267 0.70 8.79 4.61
N PRO B 268 1.96 8.34 4.65
CA PRO B 268 2.43 7.52 5.78
C PRO B 268 2.40 8.25 7.11
N PHE B 269 2.63 9.56 7.13
CA PHE B 269 2.60 10.27 8.41
C PHE B 269 1.19 10.43 8.97
N GLU B 270 0.25 10.75 8.10
CA GLU B 270 -1.12 10.76 8.55
C GLU B 270 -1.57 9.37 8.95
N LEU B 271 -1.12 8.36 8.20
CA LEU B 271 -1.54 7.00 8.51
C LEU B 271 -0.93 6.57 9.83
N LEU B 272 0.33 6.92 10.07
CA LEU B 272 0.95 6.67 11.37
C LEU B 272 0.11 7.27 12.50
N ASP B 273 -0.24 8.54 12.35
CA ASP B 273 -1.10 9.17 13.35
C ASP B 273 -2.42 8.42 13.46
N TYR B 274 -2.90 7.91 12.33
CA TYR B 274 -4.19 7.22 12.29
C TYR B 274 -4.17 5.89 13.04
N VAL B 275 -3.16 5.07 12.79
CA VAL B 275 -3.09 3.74 13.38
C VAL B 275 -2.51 3.79 14.79
N GLY B 276 -1.85 4.90 15.13
CA GLY B 276 -1.29 5.08 16.46
C GLY B 276 0.22 4.99 16.51
N LEU B 277 0.86 6.04 17.02
CA LEU B 277 2.32 6.04 17.10
C LEU B 277 2.81 5.07 18.15
N ASP B 278 2.12 5.01 19.29
CA ASP B 278 2.47 4.03 20.31
C ASP B 278 2.22 2.62 19.79
N THR B 279 1.09 2.41 19.13
CA THR B 279 0.77 1.10 18.56
C THR B 279 1.90 0.67 17.62
N THR B 280 2.32 1.56 16.74
CA THR B 280 3.37 1.27 15.78
C THR B 280 4.71 1.00 16.45
N LYS B 281 5.11 1.90 17.33
CA LYS B 281 6.39 1.76 18.00
C LYS B 281 6.44 0.42 18.73
N PHE B 282 5.34 0.04 19.37
CA PHE B 282 5.32 -1.19 20.15
C PHE B 282 5.62 -2.39 19.26
N ILE B 283 4.96 -2.45 18.12
CA ILE B 283 5.20 -3.54 17.16
C ILE B 283 6.68 -3.59 16.70
N VAL B 284 7.18 -2.46 16.26
CA VAL B 284 8.56 -2.41 15.74
C VAL B 284 9.56 -2.71 16.85
N ASP B 285 9.31 -2.22 18.06
CA ASP B 285 10.18 -2.53 19.18
C ASP B 285 10.30 -4.05 19.32
N GLY B 286 9.17 -4.75 19.26
CA GLY B 286 9.16 -6.20 19.35
C GLY B 286 10.02 -6.83 18.28
N TRP B 287 9.85 -6.35 17.05
CA TRP B 287 10.64 -6.85 15.92
C TRP B 287 12.12 -6.56 16.14
N HIS B 288 12.41 -5.37 16.64
CA HIS B 288 13.79 -4.98 16.92
C HIS B 288 14.41 -5.87 17.98
N GLU B 289 13.66 -6.15 19.04
CA GLU B 289 14.15 -6.98 20.13
C GLU B 289 14.43 -8.40 19.64
N ASP B 291 15.15 -9.26 16.53
CA ASP B 291 16.05 -9.27 15.39
C ASP B 291 16.87 -7.99 15.46
N ALA B 292 17.62 -7.87 16.56
CA ALA B 292 18.33 -6.65 16.92
C ALA B 292 19.24 -6.12 15.82
N GLU B 293 19.88 -7.03 15.10
CA GLU B 293 20.83 -6.62 14.06
C GLU B 293 20.12 -6.07 12.83
N ASN B 294 18.86 -6.46 12.65
CA ASN B 294 18.11 -6.06 11.46
C ASN B 294 17.86 -4.56 11.33
N PRO B 295 18.39 -3.95 10.26
CA PRO B 295 18.30 -2.51 9.97
C PRO B 295 16.86 -2.00 9.92
N LEU B 296 15.96 -2.84 9.45
CA LEU B 296 14.59 -2.43 9.17
C LEU B 296 13.76 -2.14 10.42
N HIS B 297 14.19 -2.64 11.56
CA HIS B 297 13.43 -2.41 12.79
C HIS B 297 14.14 -1.41 13.68
N GLN B 298 15.15 -0.75 13.12
CA GLN B 298 15.90 0.26 13.87
C GLN B 298 14.93 1.32 14.39
N PRO B 299 15.02 1.63 15.67
CA PRO B 299 14.13 2.64 16.28
C PRO B 299 14.25 3.99 15.59
N SER B 300 13.16 4.74 15.58
CA SER B 300 13.18 6.09 15.04
C SER B 300 13.17 7.08 16.21
N PRO B 301 14.19 7.96 16.27
CA PRO B 301 14.20 8.97 17.34
C PRO B 301 12.94 9.82 17.34
N SER B 302 12.46 10.21 16.16
CA SER B 302 11.26 11.04 16.08
C SER B 302 10.07 10.30 16.65
N LEU B 303 9.91 9.04 16.23
CA LEU B 303 8.79 8.25 16.70
C LEU B 303 8.87 8.06 18.22
N ASN B 304 10.08 7.76 18.70
CA ASN B 304 10.29 7.50 20.13
C ASN B 304 9.95 8.74 20.94
N LYS B 305 10.37 9.89 20.42
CA LYS B 305 10.15 11.16 21.12
C LYS B 305 8.65 11.43 21.25
N LEU B 306 7.92 11.31 20.15
CA LEU B 306 6.49 11.56 20.17
C LEU B 306 5.80 10.63 21.16
N VAL B 307 6.14 9.35 21.12
CA VAL B 307 5.52 8.40 22.03
C VAL B 307 5.85 8.75 23.49
N ALA B 308 7.08 9.17 23.72
CA ALA B 308 7.50 9.55 25.08
C ALA B 308 6.66 10.73 25.60
N GLU B 309 6.17 11.55 24.67
CA GLU B 309 5.38 12.71 25.00
C GLU B 309 3.88 12.42 24.99
N ASN B 310 3.54 11.14 24.86
CA ASN B 310 2.14 10.73 24.82
C ASN B 310 1.43 11.38 23.64
N LYS B 311 2.19 11.66 22.59
CA LYS B 311 1.61 12.13 21.34
C LYS B 311 1.42 10.91 20.46
N PHE B 312 0.27 10.27 20.57
CA PHE B 312 0.07 8.95 19.98
C PHE B 312 -0.58 8.99 18.60
N GLY B 313 -0.87 10.18 18.11
CA GLY B 313 -1.55 10.32 16.84
C GLY B 313 -2.96 10.90 16.98
N LYS B 314 -3.85 10.53 16.07
CA LYS B 314 -5.18 11.11 16.06
CA LYS B 314 -5.19 11.09 16.06
C LYS B 314 -5.93 10.86 17.37
N LYS B 315 -5.72 9.70 17.99
CA LYS B 315 -6.44 9.37 19.21
C LYS B 315 -6.11 10.26 20.41
N THR B 316 -4.98 10.96 20.36
CA THR B 316 -4.66 11.93 21.41
C THR B 316 -4.68 13.34 20.89
N GLY B 317 -5.10 13.50 19.63
CA GLY B 317 -5.16 14.82 19.03
C GLY B 317 -3.82 15.35 18.57
N GLU B 318 -2.78 14.52 18.65
CA GLU B 318 -1.49 14.91 18.13
C GLU B 318 -0.52 13.75 18.00
N GLY B 319 0.07 13.63 16.82
CA GLY B 319 1.15 12.69 16.58
C GLY B 319 2.19 13.45 15.81
N PHE B 320 2.48 12.99 14.59
CA PHE B 320 3.32 13.77 13.69
C PHE B 320 2.64 15.08 13.36
N TYR B 321 1.31 15.06 13.27
CA TYR B 321 0.55 16.29 13.03
C TYR B 321 -0.33 16.59 14.25
N LYS B 322 -0.83 17.81 14.33
CA LYS B 322 -1.76 18.21 15.39
C LYS B 322 -3.19 18.20 14.85
N TYR B 323 -4.12 17.63 15.63
CA TYR B 323 -5.51 17.51 15.19
C TYR B 323 -6.51 18.31 16.02
N LYS B 324 -7.78 18.17 15.67
CA LYS B 324 -8.88 18.83 16.35
C LYS B 324 -8.90 20.32 16.08
#